data_8K1F
#
_entry.id   8K1F
#
_cell.length_a   165.281
_cell.length_b   46.589
_cell.length_c   87.316
_cell.angle_alpha   90.00
_cell.angle_beta   98.33
_cell.angle_gamma   90.00
#
_symmetry.space_group_name_H-M   'C 1 2 1'
#
_entity_poly.entity_id   1
_entity_poly.type   'polypeptide(L)'
_entity_poly.pdbx_seq_one_letter_code
;MLEELKEANEYISSKIDKYKSPNLELIKEIEKDAEINNVPIISKEIREYLKFIIRTNKNIKNILEIGTATGYSGIIMSEE
IQGRNGTLTTIEIDEDRFKIAQSNFEKSNLKGIEQILGDATEEIEKLNKNFDFIFIDAAKGQYKKFFEDSYKLLNECGIV
FVDNILFRGYLYKESPKRFKTIVKRLDEFVNYLYENFDFVLLPISDGVGIIHKPF
;
_entity_poly.pdbx_strand_id   A,B,C
#
# COMPACT_ATOMS: atom_id res chain seq x y z
N TYR A 11 -32.59 23.22 13.59
CA TYR A 11 -32.71 24.62 13.20
C TYR A 11 -32.06 24.91 11.85
N ILE A 12 -30.83 24.41 11.69
CA ILE A 12 -30.09 24.66 10.46
C ILE A 12 -30.70 23.92 9.28
N SER A 13 -31.07 22.65 9.47
CA SER A 13 -31.73 21.91 8.39
C SER A 13 -33.05 22.57 8.00
N SER A 14 -33.78 23.10 8.99
CA SER A 14 -34.98 23.88 8.66
C SER A 14 -34.62 25.06 7.76
N LYS A 15 -33.48 25.70 8.02
CA LYS A 15 -33.08 26.79 7.14
C LYS A 15 -32.63 26.28 5.78
N ILE A 16 -31.89 25.17 5.74
CA ILE A 16 -31.38 24.69 4.45
C ILE A 16 -32.52 24.21 3.56
N ASP A 17 -33.45 23.43 4.12
CA ASP A 17 -34.64 23.07 3.37
C ASP A 17 -35.43 24.31 2.94
N LYS A 18 -35.48 25.30 3.84
CA LYS A 18 -36.21 26.57 3.58
C LYS A 18 -35.54 27.30 2.41
N TYR A 19 -34.21 27.44 2.44
CA TYR A 19 -33.46 28.14 1.36
C TYR A 19 -32.52 27.15 0.68
N LYS A 20 -31.45 26.75 1.38
CA LYS A 20 -30.46 25.79 0.83
C LYS A 20 -31.11 24.41 0.67
N GLU A 25 -33.16 18.83 -8.45
CA GLU A 25 -34.34 17.97 -8.36
C GLU A 25 -33.95 16.50 -8.51
N LEU A 26 -33.03 16.22 -9.43
CA LEU A 26 -32.40 14.89 -9.46
C LEU A 26 -31.67 14.61 -8.14
N ILE A 27 -31.11 15.66 -7.53
CA ILE A 27 -30.53 15.54 -6.19
C ILE A 27 -31.58 15.05 -5.20
N LYS A 28 -32.78 15.64 -5.28
CA LYS A 28 -33.85 15.28 -4.35
C LYS A 28 -34.22 13.82 -4.46
N GLU A 29 -34.03 13.20 -5.62
CA GLU A 29 -34.46 11.83 -5.82
C GLU A 29 -33.33 10.81 -5.74
N ILE A 30 -32.07 11.24 -5.86
CA ILE A 30 -31.01 10.35 -5.40
C ILE A 30 -31.12 10.17 -3.89
N GLU A 31 -31.60 11.20 -3.19
CA GLU A 31 -31.88 11.07 -1.76
C GLU A 31 -32.83 9.90 -1.50
N LYS A 32 -34.08 10.00 -2.00
CA LYS A 32 -35.15 9.11 -1.56
C LYS A 32 -34.83 7.66 -1.87
N ASP A 33 -34.18 7.39 -3.00
CA ASP A 33 -33.78 6.02 -3.31
C ASP A 33 -32.71 5.53 -2.35
N ALA A 34 -31.87 6.42 -1.84
CA ALA A 34 -30.89 6.08 -0.82
C ALA A 34 -31.54 6.02 0.59
N VAL A 39 -28.43 2.64 1.31
CA VAL A 39 -27.29 3.52 1.01
C VAL A 39 -27.40 4.83 1.79
N PRO A 40 -26.28 5.27 2.40
CA PRO A 40 -26.29 6.52 3.15
C PRO A 40 -25.61 7.66 2.40
N ILE A 41 -26.18 8.87 2.48
CA ILE A 41 -25.71 10.02 1.72
C ILE A 41 -25.29 11.11 2.73
N ILE A 42 -24.65 12.17 2.22
CA ILE A 42 -24.16 13.24 3.10
C ILE A 42 -25.33 14.00 3.72
N SER A 43 -25.07 14.63 4.86
CA SER A 43 -26.08 15.46 5.51
C SER A 43 -26.45 16.64 4.63
N LYS A 44 -27.59 17.25 4.93
CA LYS A 44 -27.88 18.57 4.39
C LYS A 44 -26.82 19.56 4.82
N GLU A 45 -26.29 19.37 6.02
CA GLU A 45 -25.33 20.32 6.58
C GLU A 45 -23.97 20.14 5.92
N ILE A 46 -23.56 18.91 5.73
CA ILE A 46 -22.30 18.64 5.05
C ILE A 46 -22.38 19.10 3.62
N ARG A 47 -23.41 18.67 2.90
CA ARG A 47 -23.61 19.11 1.51
C ARG A 47 -23.49 20.62 1.40
N GLU A 48 -24.15 21.37 2.29
CA GLU A 48 -24.15 22.82 2.13
C GLU A 48 -22.78 23.45 2.47
N TYR A 49 -22.02 22.84 3.38
CA TYR A 49 -20.70 23.35 3.71
C TYR A 49 -19.70 22.96 2.63
N LEU A 50 -19.79 21.73 2.17
CA LEU A 50 -19.09 21.28 0.96
C LEU A 50 -19.27 22.27 -0.17
N LYS A 51 -20.52 22.59 -0.51
CA LYS A 51 -20.76 23.52 -1.61
C LYS A 51 -20.12 24.87 -1.31
N PHE A 52 -20.18 25.30 -0.05
CA PHE A 52 -19.60 26.60 0.28
C PHE A 52 -18.09 26.60 0.07
N ILE A 53 -17.40 25.62 0.65
CA ILE A 53 -15.94 25.62 0.59
C ILE A 53 -15.46 25.67 -0.85
N ILE A 54 -16.18 24.95 -1.73
CA ILE A 54 -15.75 24.81 -3.12
C ILE A 54 -16.13 26.04 -3.94
N ARG A 55 -17.30 26.63 -3.64
CA ARG A 55 -17.76 27.79 -4.39
C ARG A 55 -16.95 29.03 -4.08
N THR A 56 -16.44 29.14 -2.85
CA THR A 56 -15.78 30.37 -2.39
C THR A 56 -14.26 30.34 -2.50
N ASN A 57 -13.67 29.27 -3.02
CA ASN A 57 -12.23 29.25 -3.34
C ASN A 57 -12.13 28.91 -4.82
N LYS A 58 -12.04 29.93 -5.65
CA LYS A 58 -12.03 29.64 -7.09
C LYS A 58 -10.83 28.81 -7.49
N ASN A 59 -9.89 28.60 -6.57
CA ASN A 59 -8.70 27.83 -6.86
C ASN A 59 -8.94 26.32 -6.81
N ILE A 60 -10.06 25.86 -6.24
CA ILE A 60 -10.39 24.44 -6.27
C ILE A 60 -10.88 24.11 -7.67
N LYS A 61 -9.97 23.67 -8.55
CA LYS A 61 -10.35 23.31 -9.90
C LYS A 61 -10.45 21.81 -10.14
N ASN A 62 -9.74 20.98 -9.36
CA ASN A 62 -9.62 19.54 -9.64
C ASN A 62 -9.83 18.76 -8.37
N ILE A 63 -10.83 17.86 -8.35
CA ILE A 63 -11.34 17.24 -7.14
C ILE A 63 -11.19 15.74 -7.23
N LEU A 64 -10.67 15.12 -6.17
CA LEU A 64 -10.61 13.66 -6.06
C LEU A 64 -11.60 13.24 -4.99
N GLU A 65 -12.46 12.27 -5.30
CA GLU A 65 -13.41 11.73 -4.33
C GLU A 65 -13.20 10.22 -4.21
N ILE A 66 -13.05 9.72 -2.99
CA ILE A 66 -12.78 8.30 -2.76
C ILE A 66 -14.06 7.62 -2.25
N GLY A 67 -14.68 6.83 -3.10
CA GLY A 67 -15.98 6.23 -2.81
C GLY A 67 -17.14 7.01 -3.41
N THR A 68 -17.35 6.85 -4.72
CA THR A 68 -18.47 7.52 -5.37
C THR A 68 -19.81 7.16 -4.75
N ALA A 69 -19.97 5.93 -4.26
CA ALA A 69 -21.26 5.47 -3.74
C ALA A 69 -22.36 5.62 -4.79
N THR A 70 -23.32 6.49 -4.55
CA THR A 70 -24.41 6.72 -5.50
C THR A 70 -24.15 7.93 -6.38
N GLY A 71 -23.01 8.60 -6.22
CA GLY A 71 -22.73 9.81 -6.96
C GLY A 71 -23.40 11.05 -6.44
N TYR A 72 -24.08 10.97 -5.30
CA TYR A 72 -24.75 12.15 -4.77
C TYR A 72 -23.74 13.21 -4.42
N SER A 73 -22.71 12.82 -3.66
CA SER A 73 -21.63 13.74 -3.29
C SER A 73 -20.83 14.21 -4.50
N GLY A 74 -20.57 13.31 -5.46
CA GLY A 74 -19.87 13.73 -6.66
C GLY A 74 -20.63 14.80 -7.43
N ILE A 75 -21.95 14.62 -7.56
CA ILE A 75 -22.74 15.62 -8.29
C ILE A 75 -22.72 16.97 -7.58
N ILE A 76 -23.04 17.01 -6.28
CA ILE A 76 -23.12 18.33 -5.64
C ILE A 76 -21.76 19.00 -5.53
N MET A 77 -20.67 18.23 -5.56
CA MET A 77 -19.36 18.87 -5.67
C MET A 77 -19.10 19.37 -7.08
N SER A 78 -19.46 18.58 -8.10
CA SER A 78 -19.13 18.96 -9.46
C SER A 78 -19.97 20.14 -9.92
N GLU A 79 -21.20 20.25 -9.44
CA GLU A 79 -22.04 21.39 -9.83
C GLU A 79 -21.30 22.70 -9.58
N GLU A 80 -20.56 22.77 -8.46
CA GLU A 80 -19.96 24.02 -8.06
C GLU A 80 -18.81 24.41 -8.98
N ILE A 81 -18.07 23.42 -9.49
CA ILE A 81 -16.87 23.69 -10.27
C ILE A 81 -17.13 23.73 -11.77
N GLN A 82 -18.38 23.66 -12.19
CA GLN A 82 -18.71 23.64 -13.63
C GLN A 82 -18.28 24.95 -14.30
N GLY A 83 -18.46 26.06 -13.61
CA GLY A 83 -18.14 27.39 -14.14
C GLY A 83 -16.70 27.52 -14.52
N ARG A 84 -15.81 27.05 -13.66
CA ARG A 84 -14.35 27.12 -13.86
C ARG A 84 -13.82 25.89 -14.57
N ASN A 85 -14.68 25.16 -15.26
CA ASN A 85 -14.37 23.91 -15.99
C ASN A 85 -13.57 23.00 -15.06
N GLY A 86 -14.07 22.81 -13.85
CA GLY A 86 -13.40 21.84 -13.02
C GLY A 86 -13.71 20.42 -13.46
N THR A 87 -12.82 19.50 -13.03
CA THR A 87 -12.97 18.06 -13.23
C THR A 87 -13.06 17.36 -11.88
N LEU A 88 -13.89 16.32 -11.80
CA LEU A 88 -14.04 15.50 -10.60
C LEU A 88 -13.60 14.05 -10.88
N THR A 89 -12.54 13.61 -10.20
CA THR A 89 -12.06 12.24 -10.27
C THR A 89 -12.56 11.45 -9.06
N THR A 90 -13.34 10.41 -9.32
CA THR A 90 -14.00 9.67 -8.25
C THR A 90 -13.84 8.17 -8.50
N ILE A 91 -13.44 7.43 -7.45
CA ILE A 91 -13.14 6.00 -7.51
C ILE A 91 -14.17 5.24 -6.67
N GLU A 92 -14.63 4.10 -7.17
CA GLU A 92 -15.60 3.29 -6.45
C GLU A 92 -15.33 1.80 -6.68
N ILE A 93 -15.25 1.03 -5.59
CA ILE A 93 -14.96 -0.40 -5.71
C ILE A 93 -16.18 -1.16 -6.22
N ASP A 94 -17.36 -0.87 -5.67
CA ASP A 94 -18.53 -1.69 -5.96
C ASP A 94 -19.08 -1.35 -7.34
N GLU A 95 -19.32 -2.41 -8.14
CA GLU A 95 -19.74 -2.26 -9.53
C GLU A 95 -21.20 -1.84 -9.64
N ASP A 96 -22.04 -2.30 -8.73
CA ASP A 96 -23.44 -1.87 -8.70
C ASP A 96 -23.54 -0.37 -8.42
N ARG A 97 -22.99 0.07 -7.28
CA ARG A 97 -22.98 1.49 -6.98
C ARG A 97 -22.32 2.31 -8.10
N PHE A 98 -21.33 1.74 -8.78
CA PHE A 98 -20.71 2.46 -9.91
C PHE A 98 -21.73 2.74 -11.02
N LYS A 99 -22.38 1.68 -11.50
CA LYS A 99 -23.34 1.83 -12.60
C LYS A 99 -24.42 2.83 -12.24
N ILE A 100 -24.87 2.80 -10.98
CA ILE A 100 -25.90 3.74 -10.54
C ILE A 100 -25.35 5.17 -10.53
N ALA A 101 -24.17 5.35 -9.93
CA ALA A 101 -23.57 6.68 -9.92
C ALA A 101 -23.32 7.16 -11.34
N GLN A 102 -22.99 6.22 -12.24
CA GLN A 102 -22.65 6.61 -13.60
C GLN A 102 -23.89 7.08 -14.36
N SER A 103 -25.05 6.47 -14.08
CA SER A 103 -26.26 6.88 -14.77
C SER A 103 -26.86 8.15 -14.15
N ASN A 104 -26.51 8.46 -12.89
CA ASN A 104 -26.84 9.77 -12.34
C ASN A 104 -25.96 10.85 -12.93
N PHE A 105 -24.64 10.62 -13.02
CA PHE A 105 -23.77 11.63 -13.61
C PHE A 105 -24.24 11.96 -15.02
N GLU A 106 -24.73 10.97 -15.74
CA GLU A 106 -25.18 11.24 -17.10
C GLU A 106 -26.43 12.11 -17.06
N LYS A 107 -27.40 11.73 -16.22
CA LYS A 107 -28.65 12.49 -16.03
C LYS A 107 -28.40 13.93 -15.61
N SER A 108 -27.39 14.15 -14.78
CA SER A 108 -27.06 15.50 -14.31
C SER A 108 -26.54 16.39 -15.43
N ASN A 109 -26.06 15.79 -16.53
CA ASN A 109 -25.54 16.49 -17.69
C ASN A 109 -24.30 17.34 -17.35
N LEU A 110 -23.70 17.09 -16.19
CA LEU A 110 -22.53 17.83 -15.74
C LEU A 110 -21.32 17.47 -16.57
N LYS A 111 -20.43 18.44 -16.78
CA LYS A 111 -19.22 18.19 -17.55
C LYS A 111 -18.05 17.89 -16.62
N GLY A 112 -17.07 17.16 -17.15
CA GLY A 112 -15.80 16.97 -16.48
C GLY A 112 -15.71 15.90 -15.42
N ILE A 113 -16.52 14.84 -15.50
CA ILE A 113 -16.54 13.82 -14.46
C ILE A 113 -15.79 12.58 -14.94
N GLU A 114 -14.81 12.14 -14.17
CA GLU A 114 -14.00 10.97 -14.49
C GLU A 114 -14.25 9.90 -13.42
N GLN A 115 -14.99 8.88 -13.80
CA GLN A 115 -15.29 7.77 -12.90
C GLN A 115 -14.29 6.65 -13.11
N ILE A 116 -13.82 6.08 -12.01
CA ILE A 116 -12.94 4.91 -12.05
C ILE A 116 -13.59 3.79 -11.23
N LEU A 117 -13.56 2.58 -11.79
CA LEU A 117 -14.06 1.38 -11.14
C LEU A 117 -12.83 0.54 -10.78
N GLY A 118 -12.44 0.58 -9.51
CA GLY A 118 -11.25 -0.12 -9.10
C GLY A 118 -11.05 -0.01 -7.61
N ASP A 119 -9.84 -0.34 -7.17
CA ASP A 119 -9.46 -0.32 -5.76
C ASP A 119 -8.68 0.96 -5.46
N ALA A 120 -9.26 1.85 -4.65
CA ALA A 120 -8.58 3.10 -4.35
C ALA A 120 -7.24 2.87 -3.66
N THR A 121 -7.12 1.81 -2.88
CA THR A 121 -5.85 1.53 -2.21
C THR A 121 -4.72 1.33 -3.21
N GLU A 122 -5.01 0.77 -4.38
CA GLU A 122 -4.04 0.65 -5.46
C GLU A 122 -4.13 1.78 -6.47
N GLU A 123 -5.32 2.35 -6.68
CA GLU A 123 -5.53 3.31 -7.75
C GLU A 123 -4.96 4.69 -7.43
N ILE A 124 -5.03 5.13 -6.17
CA ILE A 124 -4.64 6.51 -5.86
C ILE A 124 -3.21 6.78 -6.28
N GLU A 125 -2.27 5.90 -5.87
CA GLU A 125 -0.86 6.16 -6.20
C GLU A 125 -0.61 6.06 -7.71
N LYS A 126 -1.41 5.26 -8.41
CA LYS A 126 -1.25 5.13 -9.85
C LYS A 126 -1.93 6.26 -10.63
N LEU A 127 -2.80 7.05 -9.99
CA LEU A 127 -3.17 8.34 -10.55
C LEU A 127 -1.90 9.16 -10.60
N ASN A 128 -1.62 9.79 -11.73
CA ASN A 128 -0.32 10.47 -11.79
C ASN A 128 -0.54 11.93 -12.18
N LYS A 129 -1.32 12.60 -11.35
CA LYS A 129 -1.66 14.01 -11.50
C LYS A 129 -2.02 14.53 -10.11
N ASN A 130 -2.23 15.82 -10.01
CA ASN A 130 -2.49 16.41 -8.72
C ASN A 130 -3.92 16.92 -8.65
N PHE A 131 -4.29 17.40 -7.47
CA PHE A 131 -5.65 17.82 -7.17
C PHE A 131 -5.59 19.01 -6.21
N ASP A 132 -6.70 19.75 -6.16
CA ASP A 132 -6.87 20.84 -5.21
C ASP A 132 -7.69 20.45 -3.99
N PHE A 133 -8.52 19.41 -4.07
CA PHE A 133 -9.49 19.07 -3.04
C PHE A 133 -9.74 17.57 -3.04
N ILE A 134 -9.77 16.98 -1.86
CA ILE A 134 -9.94 15.55 -1.70
C ILE A 134 -11.03 15.31 -0.66
N PHE A 135 -12.03 14.50 -1.02
CA PHE A 135 -13.10 14.08 -0.13
C PHE A 135 -12.85 12.64 0.29
N ILE A 136 -12.58 12.45 1.56
CA ILE A 136 -12.46 11.12 2.15
C ILE A 136 -13.55 10.98 3.20
N ASP A 137 -14.23 9.85 3.18
CA ASP A 137 -15.26 9.53 4.17
C ASP A 137 -14.68 8.53 5.15
N ALA A 138 -14.56 8.93 6.42
CA ALA A 138 -13.95 8.04 7.40
C ALA A 138 -14.86 6.89 7.82
N ALA A 139 -16.16 7.04 7.68
CA ALA A 139 -17.11 5.97 8.00
C ALA A 139 -17.00 4.81 7.07
N LYS A 140 -16.17 4.92 6.06
CA LYS A 140 -16.30 4.11 4.85
C LYS A 140 -14.90 3.66 4.46
N GLY A 141 -14.47 2.52 4.99
CA GLY A 141 -13.28 1.91 4.45
C GLY A 141 -11.97 2.40 5.04
N GLN A 142 -10.94 2.48 4.21
CA GLN A 142 -9.54 2.57 4.65
C GLN A 142 -9.04 4.02 4.61
N TYR A 143 -9.58 4.86 5.51
CA TYR A 143 -9.42 6.30 5.37
C TYR A 143 -7.97 6.74 5.47
N LYS A 144 -7.21 6.15 6.40
CA LYS A 144 -5.86 6.66 6.62
C LYS A 144 -4.95 6.32 5.45
N LYS A 145 -5.07 5.12 4.91
CA LYS A 145 -4.33 4.75 3.71
C LYS A 145 -4.68 5.66 2.54
N PHE A 146 -5.96 6.08 2.43
CA PHE A 146 -6.34 7.00 1.37
C PHE A 146 -5.80 8.39 1.64
N PHE A 147 -5.89 8.86 2.88
CA PHE A 147 -5.34 10.17 3.19
C PHE A 147 -3.86 10.22 2.87
N GLU A 148 -3.09 9.26 3.38
CA GLU A 148 -1.64 9.26 3.16
C GLU A 148 -1.30 9.15 1.68
N ASP A 149 -2.01 8.29 0.93
CA ASP A 149 -1.76 8.18 -0.50
C ASP A 149 -2.11 9.49 -1.19
N SER A 150 -3.30 10.02 -0.93
CA SER A 150 -3.82 11.11 -1.76
C SER A 150 -3.26 12.45 -1.36
N TYR A 151 -2.79 12.59 -0.11
CA TYR A 151 -2.20 13.85 0.34
C TYR A 151 -0.97 14.22 -0.45
N LYS A 152 -0.22 13.21 -0.92
CA LYS A 152 0.91 13.49 -1.79
C LYS A 152 0.47 14.06 -3.13
N LEU A 153 -0.79 13.83 -3.54
CA LEU A 153 -1.30 14.27 -4.83
C LEU A 153 -1.97 15.64 -4.76
N LEU A 154 -1.83 16.35 -3.65
CA LEU A 154 -2.58 17.57 -3.39
C LEU A 154 -1.66 18.77 -3.59
N ASN A 155 -2.11 19.71 -4.44
CA ASN A 155 -1.37 20.94 -4.67
C ASN A 155 -1.22 21.74 -3.37
N GLU A 156 -0.31 22.71 -3.40
CA GLU A 156 -0.20 23.65 -2.29
C GLU A 156 -1.53 24.38 -2.12
N CYS A 157 -1.82 24.76 -0.87
CA CYS A 157 -3.08 25.44 -0.53
C CYS A 157 -4.31 24.54 -0.78
N GLY A 158 -4.12 23.21 -0.77
CA GLY A 158 -5.21 22.27 -1.00
C GLY A 158 -5.81 21.70 0.28
N ILE A 159 -7.04 21.20 0.15
CA ILE A 159 -7.87 20.77 1.28
C ILE A 159 -8.18 19.29 1.10
N VAL A 160 -7.96 18.51 2.14
CA VAL A 160 -8.64 17.24 2.29
C VAL A 160 -9.75 17.43 3.32
N PHE A 161 -10.97 17.09 2.91
CA PHE A 161 -12.15 17.14 3.76
C PHE A 161 -12.41 15.70 4.18
N VAL A 162 -12.48 15.44 5.48
CA VAL A 162 -12.69 14.09 5.98
C VAL A 162 -14.02 14.06 6.69
N ASP A 163 -14.90 13.19 6.23
CA ASP A 163 -16.24 13.16 6.80
C ASP A 163 -16.36 12.10 7.88
N ASN A 164 -17.38 12.24 8.71
CA ASN A 164 -17.72 11.24 9.71
C ASN A 164 -16.52 10.93 10.59
N ILE A 165 -15.78 11.96 10.98
CA ILE A 165 -14.49 11.73 11.60
C ILE A 165 -14.60 11.47 13.10
N LEU A 166 -15.70 11.87 13.73
CA LEU A 166 -15.90 11.71 15.16
C LEU A 166 -16.62 10.39 15.46
N ARG A 178 -16.83 -4.80 17.57
CA ARG A 178 -16.32 -4.09 16.40
C ARG A 178 -16.31 -2.58 16.66
N PHE A 179 -17.36 -2.10 17.33
CA PHE A 179 -17.52 -0.68 17.57
C PHE A 179 -16.32 -0.10 18.31
N LYS A 180 -15.98 -0.69 19.46
CA LYS A 180 -14.92 -0.16 20.30
C LYS A 180 -13.56 -0.16 19.62
N THR A 181 -13.37 -0.98 18.59
CA THR A 181 -12.09 -0.99 17.90
C THR A 181 -12.09 -0.02 16.73
N ILE A 182 -13.26 0.21 16.11
CA ILE A 182 -13.39 1.27 15.12
C ILE A 182 -13.20 2.62 15.78
N VAL A 183 -13.68 2.77 17.01
CA VAL A 183 -13.49 4.04 17.72
C VAL A 183 -12.03 4.24 18.16
N LYS A 184 -11.32 3.17 18.55
CA LYS A 184 -9.89 3.33 18.83
C LYS A 184 -9.15 3.84 17.59
N ARG A 185 -9.31 3.16 16.45
CA ARG A 185 -8.57 3.56 15.26
C ARG A 185 -8.96 4.96 14.81
N LEU A 186 -10.22 5.33 14.97
CA LEU A 186 -10.63 6.68 14.60
C LEU A 186 -10.02 7.72 15.54
N ASP A 187 -9.92 7.43 16.84
CA ASP A 187 -9.27 8.36 17.75
C ASP A 187 -7.78 8.47 17.42
N GLU A 188 -7.14 7.35 17.08
CA GLU A 188 -5.73 7.40 16.75
C GLU A 188 -5.46 8.21 15.48
N PHE A 189 -6.42 8.25 14.54
CA PHE A 189 -6.27 9.02 13.29
C PHE A 189 -6.42 10.51 13.55
N VAL A 190 -7.33 10.89 14.45
CA VAL A 190 -7.50 12.29 14.81
C VAL A 190 -6.23 12.82 15.47
N ASN A 191 -5.71 12.10 16.46
CA ASN A 191 -4.46 12.50 17.11
C ASN A 191 -3.32 12.59 16.10
N TYR A 192 -3.25 11.63 15.17
CA TYR A 192 -2.15 11.59 14.22
C TYR A 192 -2.16 12.81 13.32
N LEU A 193 -3.34 13.28 12.92
CA LEU A 193 -3.43 14.49 12.11
C LEU A 193 -3.03 15.71 12.90
N TYR A 194 -3.55 15.83 14.12
CA TYR A 194 -3.21 16.98 14.97
C TYR A 194 -1.70 17.09 15.18
N GLU A 195 -0.99 15.96 15.27
CA GLU A 195 0.45 15.94 15.49
C GLU A 195 1.29 16.24 14.25
N ASN A 196 0.69 16.27 13.07
CA ASN A 196 1.49 16.40 11.86
C ASN A 196 0.89 17.30 10.82
N PHE A 197 -0.31 17.81 11.00
CA PHE A 197 -0.92 18.55 9.92
C PHE A 197 -1.60 19.80 10.46
N ASP A 198 -1.76 20.78 9.58
CA ASP A 198 -2.68 21.89 9.77
C ASP A 198 -4.09 21.35 9.70
N PHE A 199 -4.77 21.27 10.83
CA PHE A 199 -5.98 20.46 10.98
C PHE A 199 -6.92 21.16 11.96
N VAL A 200 -8.22 21.23 11.61
CA VAL A 200 -9.29 21.60 12.53
C VAL A 200 -10.25 20.44 12.63
N LEU A 201 -10.85 20.33 13.79
CA LEU A 201 -11.94 19.37 14.04
C LEU A 201 -13.21 20.22 14.14
N LEU A 202 -14.23 19.86 13.39
CA LEU A 202 -15.49 20.63 13.42
C LEU A 202 -16.64 19.73 13.85
N PRO A 203 -17.51 20.12 14.78
CA PRO A 203 -18.65 19.32 15.14
C PRO A 203 -19.87 19.45 14.20
N ILE A 204 -19.62 19.38 12.91
CA ILE A 204 -20.72 19.42 11.91
C ILE A 204 -21.20 17.99 11.71
N SER A 205 -22.49 17.78 11.77
CA SER A 205 -23.08 16.43 11.60
C SER A 205 -22.35 15.41 12.47
N ASP A 206 -21.59 14.52 11.83
CA ASP A 206 -20.91 13.43 12.53
C ASP A 206 -19.41 13.66 12.57
N GLY A 207 -18.98 14.91 12.51
CA GLY A 207 -17.55 15.22 12.54
C GLY A 207 -16.98 15.60 11.21
N VAL A 208 -16.31 16.73 11.16
CA VAL A 208 -15.62 17.09 9.89
C VAL A 208 -14.17 17.42 10.21
N GLY A 209 -13.28 16.75 9.55
CA GLY A 209 -11.85 17.06 9.72
C GLY A 209 -11.27 17.72 8.49
N ILE A 210 -10.82 18.98 8.62
CA ILE A 210 -10.26 19.73 7.50
C ILE A 210 -8.75 19.78 7.66
N ILE A 211 -8.02 19.31 6.65
CA ILE A 211 -6.57 19.45 6.61
C ILE A 211 -6.20 20.36 5.45
N HIS A 212 -5.34 21.33 5.72
CA HIS A 212 -4.84 22.28 4.74
C HIS A 212 -3.36 22.03 4.48
N LYS A 213 -2.96 22.11 3.21
CA LYS A 213 -1.58 21.82 2.85
C LYS A 213 -0.90 23.14 2.54
N PRO A 214 0.14 23.52 3.30
CA PRO A 214 0.81 24.83 3.28
C PRO A 214 1.33 25.26 1.92
N LEU B 5 -17.62 -21.53 -21.85
CA LEU B 5 -17.52 -22.82 -21.17
C LEU B 5 -18.79 -23.22 -20.40
N LYS B 6 -19.95 -22.63 -20.74
CA LYS B 6 -21.18 -23.03 -20.06
C LYS B 6 -21.53 -24.48 -20.35
N GLU B 7 -21.44 -24.90 -21.62
CA GLU B 7 -21.90 -26.23 -22.00
C GLU B 7 -21.09 -27.33 -21.29
N ALA B 8 -19.78 -27.12 -21.13
CA ALA B 8 -18.96 -28.10 -20.43
C ALA B 8 -19.32 -28.17 -18.94
N ASN B 9 -19.53 -27.03 -18.29
CA ASN B 9 -19.82 -27.02 -16.85
C ASN B 9 -21.21 -27.57 -16.56
N GLU B 10 -22.16 -27.44 -17.48
CA GLU B 10 -23.44 -28.11 -17.25
C GLU B 10 -23.31 -29.63 -17.33
N TYR B 11 -22.39 -30.13 -18.16
CA TYR B 11 -22.10 -31.56 -18.17
C TYR B 11 -21.54 -32.01 -16.83
N ILE B 12 -20.45 -31.36 -16.37
CA ILE B 12 -19.83 -31.74 -15.10
C ILE B 12 -20.82 -31.66 -13.94
N SER B 13 -21.69 -30.64 -13.95
CA SER B 13 -22.67 -30.51 -12.89
C SER B 13 -23.70 -31.62 -12.93
N SER B 14 -24.02 -32.11 -14.14
CA SER B 14 -24.88 -33.29 -14.27
C SER B 14 -24.39 -34.39 -13.33
N LYS B 15 -23.09 -34.72 -13.38
CA LYS B 15 -22.54 -35.80 -12.59
C LYS B 15 -22.40 -35.44 -11.11
N ILE B 16 -21.96 -34.22 -10.80
CA ILE B 16 -21.82 -33.82 -9.40
C ILE B 16 -23.16 -33.90 -8.68
N ASP B 17 -24.19 -33.27 -9.26
CA ASP B 17 -25.50 -33.35 -8.62
C ASP B 17 -26.06 -34.76 -8.67
N LYS B 18 -25.50 -35.64 -9.48
CA LYS B 18 -25.91 -37.04 -9.52
C LYS B 18 -25.19 -37.86 -8.46
N TYR B 19 -23.86 -37.81 -8.41
CA TYR B 19 -23.09 -38.75 -7.61
C TYR B 19 -22.39 -38.13 -6.41
N LYS B 20 -21.99 -36.86 -6.46
CA LYS B 20 -21.25 -36.25 -5.35
C LYS B 20 -22.05 -35.15 -4.67
N SER B 21 -23.29 -35.45 -4.28
CA SER B 21 -24.12 -34.46 -3.60
C SER B 21 -23.67 -34.27 -2.16
N PRO B 22 -23.69 -33.04 -1.65
CA PRO B 22 -23.24 -32.79 -0.27
C PRO B 22 -24.00 -33.66 0.72
N ASN B 23 -23.28 -34.12 1.75
CA ASN B 23 -23.87 -34.90 2.82
C ASN B 23 -24.20 -34.06 4.05
N LEU B 24 -24.49 -32.76 3.85
CA LEU B 24 -24.71 -31.74 4.89
C LEU B 24 -24.00 -32.02 6.22
N ILE B 41 -21.45 -17.47 -3.68
CA ILE B 41 -20.88 -18.77 -3.36
C ILE B 41 -20.23 -19.40 -4.58
N ILE B 42 -19.19 -20.19 -4.32
CA ILE B 42 -18.40 -20.81 -5.37
C ILE B 42 -19.26 -21.74 -6.22
N SER B 43 -18.71 -22.11 -7.39
CA SER B 43 -19.38 -23.09 -8.22
C SER B 43 -19.26 -24.49 -7.61
N LYS B 44 -20.15 -25.38 -8.05
CA LYS B 44 -20.03 -26.78 -7.65
C LYS B 44 -18.72 -27.37 -8.11
N GLU B 45 -18.26 -26.96 -9.31
CA GLU B 45 -17.01 -27.50 -9.86
C GLU B 45 -15.81 -27.08 -9.00
N ILE B 46 -15.83 -25.84 -8.49
CA ILE B 46 -14.79 -25.40 -7.55
C ILE B 46 -15.01 -26.01 -6.17
N ARG B 47 -16.26 -26.30 -5.78
CA ARG B 47 -16.48 -26.97 -4.50
C ARG B 47 -15.78 -28.32 -4.45
N GLU B 48 -15.92 -29.12 -5.52
CA GLU B 48 -15.35 -30.46 -5.50
C GLU B 48 -13.84 -30.44 -5.64
N TYR B 49 -13.30 -29.53 -6.47
CA TYR B 49 -11.86 -29.41 -6.60
C TYR B 49 -11.22 -28.97 -5.29
N LEU B 50 -11.76 -27.91 -4.69
CA LEU B 50 -11.27 -27.43 -3.39
C LEU B 50 -11.23 -28.57 -2.38
N LYS B 51 -12.36 -29.29 -2.26
CA LYS B 51 -12.41 -30.42 -1.33
C LYS B 51 -11.35 -31.46 -1.70
N PHE B 52 -11.20 -31.74 -2.99
CA PHE B 52 -10.27 -32.78 -3.42
C PHE B 52 -8.84 -32.43 -3.04
N ILE B 53 -8.45 -31.14 -3.19
CA ILE B 53 -7.10 -30.71 -2.83
C ILE B 53 -6.82 -31.00 -1.37
N ILE B 54 -7.66 -30.45 -0.48
CA ILE B 54 -7.44 -30.62 0.95
C ILE B 54 -7.49 -32.09 1.32
N ARG B 55 -8.48 -32.82 0.80
CA ARG B 55 -8.67 -34.24 1.13
C ARG B 55 -7.44 -35.08 0.80
N THR B 56 -6.80 -34.81 -0.33
CA THR B 56 -5.75 -35.72 -0.75
C THR B 56 -4.43 -35.44 -0.04
N ASN B 57 -4.06 -34.17 0.14
CA ASN B 57 -2.80 -33.81 0.80
C ASN B 57 -3.06 -33.61 2.29
N LYS B 58 -2.73 -34.63 3.08
CA LYS B 58 -2.99 -34.55 4.51
C LYS B 58 -2.04 -33.60 5.24
N ASN B 59 -1.09 -32.98 4.52
CA ASN B 59 -0.30 -31.92 5.13
C ASN B 59 -1.05 -30.59 5.25
N ILE B 60 -2.26 -30.49 4.70
CA ILE B 60 -3.04 -29.24 4.76
C ILE B 60 -3.87 -29.36 6.04
N LYS B 61 -3.32 -28.83 7.13
CA LYS B 61 -3.99 -28.82 8.42
C LYS B 61 -4.61 -27.46 8.75
N ASN B 62 -3.89 -26.35 8.51
CA ASN B 62 -4.31 -25.03 8.96
C ASN B 62 -4.59 -24.12 7.78
N ILE B 63 -5.81 -23.60 7.72
CA ILE B 63 -6.30 -22.88 6.55
C ILE B 63 -6.61 -21.44 6.92
N LEU B 64 -6.19 -20.54 6.06
CA LEU B 64 -6.50 -19.11 6.21
C LEU B 64 -7.44 -18.70 5.09
N GLU B 65 -8.68 -18.36 5.42
CA GLU B 65 -9.65 -17.84 4.42
C GLU B 65 -9.78 -16.31 4.59
N ILE B 66 -9.60 -15.59 3.51
CA ILE B 66 -9.69 -14.12 3.55
C ILE B 66 -10.96 -13.70 2.84
N THR B 68 -14.82 -14.42 4.57
CA THR B 68 -15.79 -15.42 5.07
C THR B 68 -17.11 -15.42 4.31
N ALA B 69 -17.61 -14.28 3.84
CA ALA B 69 -18.92 -14.16 3.16
C ALA B 69 -19.99 -14.76 4.08
N THR B 70 -20.59 -15.88 3.72
CA THR B 70 -21.62 -16.46 4.61
C THR B 70 -21.09 -17.75 5.21
N GLY B 71 -19.86 -18.12 4.89
CA GLY B 71 -19.30 -19.31 5.48
C GLY B 71 -19.45 -20.57 4.66
N TYR B 72 -20.02 -20.50 3.46
CA TYR B 72 -20.11 -21.67 2.60
C TYR B 72 -18.73 -22.24 2.29
N SER B 73 -17.86 -21.43 1.70
CA SER B 73 -16.50 -21.86 1.37
C SER B 73 -15.77 -22.41 2.59
N GLY B 74 -15.90 -21.74 3.74
CA GLY B 74 -15.24 -22.22 4.94
C GLY B 74 -15.78 -23.56 5.41
N ILE B 75 -17.07 -23.82 5.16
CA ILE B 75 -17.66 -25.12 5.52
C ILE B 75 -17.19 -26.20 4.56
N ILE B 76 -17.17 -25.90 3.26
CA ILE B 76 -16.58 -26.79 2.26
C ILE B 76 -15.19 -27.25 2.70
N MET B 77 -14.28 -26.28 2.85
CA MET B 77 -12.88 -26.61 3.14
C MET B 77 -12.72 -27.24 4.51
N SER B 78 -13.46 -26.75 5.51
CA SER B 78 -13.21 -27.20 6.89
C SER B 78 -13.80 -28.58 7.14
N GLU B 79 -14.88 -28.93 6.43
CA GLU B 79 -15.43 -30.28 6.50
C GLU B 79 -14.37 -31.34 6.20
N GLU B 80 -13.27 -30.96 5.53
CA GLU B 80 -12.22 -31.87 5.11
C GLU B 80 -11.05 -31.94 6.08
N ILE B 81 -11.00 -31.10 7.11
CA ILE B 81 -9.84 -31.10 8.01
C ILE B 81 -10.16 -31.63 9.40
N GLN B 82 -11.40 -32.06 9.65
CA GLN B 82 -11.73 -32.75 10.89
C GLN B 82 -10.97 -34.09 11.01
N THR B 87 -8.03 -26.99 11.46
CA THR B 87 -8.17 -25.61 11.93
C THR B 87 -8.38 -24.61 10.78
N LEU B 88 -9.37 -23.72 10.90
CA LEU B 88 -9.65 -22.73 9.87
C LEU B 88 -9.81 -21.35 10.50
N THR B 89 -8.90 -20.43 10.17
CA THR B 89 -9.03 -19.00 10.47
C THR B 89 -9.55 -18.26 9.25
N THR B 90 -10.53 -17.38 9.46
CA THR B 90 -11.20 -16.74 8.34
C THR B 90 -11.66 -15.36 8.77
N ILE B 91 -11.43 -14.37 7.89
CA ILE B 91 -11.65 -12.96 8.18
C ILE B 91 -12.76 -12.41 7.30
N GLU B 92 -13.61 -11.55 7.88
CA GLU B 92 -14.68 -10.88 7.17
C GLU B 92 -14.86 -9.48 7.75
N ILE B 93 -15.19 -8.53 6.89
CA ILE B 93 -15.31 -7.14 7.30
C ILE B 93 -16.76 -6.69 7.44
N ASP B 94 -17.68 -7.21 6.63
CA ASP B 94 -19.10 -6.83 6.76
C ASP B 94 -19.71 -7.57 7.95
N GLU B 95 -20.21 -6.81 8.93
CA GLU B 95 -20.68 -7.42 10.17
C GLU B 95 -21.90 -8.31 9.91
N ASP B 96 -22.76 -7.91 8.98
CA ASP B 96 -23.96 -8.70 8.68
C ASP B 96 -23.59 -10.08 8.12
N ARG B 97 -22.83 -10.11 7.02
CA ARG B 97 -22.36 -11.39 6.50
C ARG B 97 -21.58 -12.17 7.55
N PHE B 98 -20.96 -11.47 8.50
CA PHE B 98 -20.24 -12.16 9.56
C PHE B 98 -21.20 -12.88 10.49
N LYS B 99 -22.35 -12.26 10.80
CA LYS B 99 -23.31 -12.90 11.70
C LYS B 99 -23.96 -14.10 11.03
N ILE B 100 -24.41 -13.93 9.77
CA ILE B 100 -24.90 -15.07 9.00
C ILE B 100 -23.88 -16.20 9.01
N ALA B 101 -22.61 -15.86 8.85
CA ALA B 101 -21.55 -16.87 8.80
C ALA B 101 -21.42 -17.62 10.12
N GLN B 102 -21.43 -16.91 11.24
CA GLN B 102 -21.34 -17.59 12.53
C GLN B 102 -22.56 -18.49 12.75
N SER B 103 -23.73 -18.02 12.33
CA SER B 103 -24.95 -18.84 12.44
C SER B 103 -24.76 -20.16 11.71
N ASN B 104 -24.22 -20.11 10.50
CA ASN B 104 -23.91 -21.33 9.75
C ASN B 104 -22.81 -22.13 10.43
N PHE B 105 -21.75 -21.47 10.88
CA PHE B 105 -20.63 -22.20 11.46
C PHE B 105 -21.05 -22.94 12.73
N GLU B 106 -21.99 -22.38 13.49
CA GLU B 106 -22.53 -23.11 14.62
C GLU B 106 -23.38 -24.28 14.13
N LYS B 107 -24.26 -24.02 13.16
CA LYS B 107 -25.14 -25.07 12.65
C LYS B 107 -24.32 -26.23 12.09
N SER B 108 -23.24 -25.92 11.36
CA SER B 108 -22.34 -26.92 10.79
C SER B 108 -21.77 -27.87 11.84
N ASN B 109 -21.81 -27.50 13.12
CA ASN B 109 -21.19 -28.21 14.23
C ASN B 109 -19.78 -28.70 13.88
N LEU B 110 -19.10 -28.00 12.97
CA LEU B 110 -17.69 -28.25 12.74
C LEU B 110 -16.87 -27.76 13.92
N LYS B 111 -15.62 -28.19 13.97
CA LYS B 111 -14.75 -27.90 15.11
C LYS B 111 -13.47 -27.24 14.62
N GLY B 112 -13.18 -26.05 15.13
CA GLY B 112 -11.96 -25.36 14.78
C GLY B 112 -12.08 -24.20 13.82
N ILE B 113 -13.29 -23.65 13.64
CA ILE B 113 -13.51 -22.50 12.76
C ILE B 113 -13.35 -21.24 13.61
N GLU B 114 -12.12 -20.74 13.71
CA GLU B 114 -11.83 -19.49 14.42
C GLU B 114 -12.13 -18.31 13.50
N GLN B 115 -13.29 -17.69 13.70
CA GLN B 115 -13.69 -16.55 12.89
C GLN B 115 -13.07 -15.26 13.43
N ILE B 116 -12.86 -14.30 12.52
CA ILE B 116 -12.36 -12.98 12.88
C ILE B 116 -13.16 -11.93 12.13
N LEU B 117 -13.67 -10.93 12.86
CA LEU B 117 -14.36 -9.79 12.27
C LEU B 117 -13.41 -8.60 12.32
N GLY B 118 -13.09 -8.06 11.15
CA GLY B 118 -12.06 -7.04 11.07
C GLY B 118 -11.70 -6.82 9.62
N ASP B 119 -10.65 -6.03 9.40
CA ASP B 119 -10.18 -5.78 8.05
C ASP B 119 -8.90 -6.58 7.83
N ALA B 120 -8.93 -7.41 6.79
CA ALA B 120 -7.81 -8.31 6.55
C ALA B 120 -6.53 -7.54 6.21
N THR B 121 -6.63 -6.35 5.60
CA THR B 121 -5.42 -5.56 5.38
C THR B 121 -4.74 -5.26 6.71
N GLU B 122 -5.52 -5.15 7.79
CA GLU B 122 -4.96 -5.02 9.13
C GLU B 122 -4.78 -6.37 9.82
N GLU B 123 -5.78 -7.25 9.76
CA GLU B 123 -5.73 -8.45 10.60
C GLU B 123 -4.64 -9.42 10.20
N ILE B 124 -4.24 -9.46 8.92
CA ILE B 124 -3.32 -10.52 8.50
C ILE B 124 -1.95 -10.36 9.16
N GLU B 125 -1.46 -9.12 9.28
CA GLU B 125 -0.22 -8.89 10.01
C GLU B 125 -0.38 -9.16 11.49
N LYS B 126 -1.60 -9.05 12.01
CA LYS B 126 -1.88 -9.35 13.41
C LYS B 126 -2.01 -10.84 13.66
N LEU B 127 -1.94 -11.64 12.62
CA LEU B 127 -1.91 -13.09 12.78
C LEU B 127 -0.48 -13.50 13.03
N ASN B 128 -0.28 -14.38 14.00
CA ASN B 128 1.04 -14.96 14.21
C ASN B 128 1.00 -16.48 14.07
N LYS B 129 -0.09 -17.02 13.54
CA LYS B 129 -0.16 -18.41 13.15
C LYS B 129 0.39 -18.56 11.75
N ASN B 130 1.04 -19.69 11.48
CA ASN B 130 1.51 -20.01 10.15
C ASN B 130 0.60 -21.09 9.58
N PHE B 131 0.34 -21.02 8.28
CA PHE B 131 -0.75 -21.76 7.64
C PHE B 131 -0.22 -22.66 6.55
N ASP B 132 -1.05 -23.64 6.19
CA ASP B 132 -0.74 -24.59 5.13
C ASP B 132 -1.46 -24.29 3.84
N PHE B 133 -2.62 -23.63 3.91
CA PHE B 133 -3.47 -23.38 2.76
C PHE B 133 -4.14 -22.02 2.92
N ILE B 134 -4.03 -21.17 1.90
CA ILE B 134 -4.66 -19.86 1.90
C ILE B 134 -5.59 -19.75 0.71
N PHE B 135 -6.81 -19.28 0.95
CA PHE B 135 -7.82 -19.02 -0.07
C PHE B 135 -8.02 -17.52 -0.20
N ILE B 136 -7.86 -17.00 -1.42
CA ILE B 136 -8.02 -15.59 -1.73
C ILE B 136 -8.88 -15.46 -2.97
N ASP B 137 -9.75 -14.46 -3.00
CA ASP B 137 -10.66 -14.26 -4.11
C ASP B 137 -10.24 -12.98 -4.83
N ALA B 138 -9.71 -13.13 -6.05
CA ALA B 138 -9.23 -12.01 -6.83
C ALA B 138 -10.34 -11.03 -7.22
N ALA B 139 -11.61 -11.39 -7.06
CA ALA B 139 -12.71 -10.49 -7.33
C ALA B 139 -13.21 -9.81 -6.08
N LYS B 140 -12.46 -9.86 -5.00
CA LYS B 140 -12.66 -9.04 -3.82
C LYS B 140 -11.50 -8.06 -3.71
N GLY B 141 -11.73 -6.97 -2.98
CA GLY B 141 -10.70 -5.95 -2.87
C GLY B 141 -9.39 -6.48 -2.32
N GLN B 142 -8.31 -5.79 -2.67
CA GLN B 142 -7.00 -5.94 -2.03
C GLN B 142 -6.41 -7.33 -2.22
N TYR B 143 -6.67 -7.98 -3.36
CA TYR B 143 -6.18 -9.35 -3.53
C TYR B 143 -4.66 -9.39 -3.60
N LYS B 144 -4.03 -8.41 -4.27
CA LYS B 144 -2.59 -8.40 -4.32
C LYS B 144 -1.98 -8.18 -2.93
N LYS B 145 -2.50 -7.19 -2.19
CA LYS B 145 -2.00 -6.97 -0.84
C LYS B 145 -2.20 -8.22 0.02
N PHE B 146 -3.40 -8.77 -0.01
CA PHE B 146 -3.69 -9.99 0.75
C PHE B 146 -2.70 -11.10 0.41
N PHE B 147 -2.54 -11.40 -0.89
CA PHE B 147 -1.60 -12.44 -1.29
C PHE B 147 -0.21 -12.14 -0.76
N GLU B 148 0.24 -10.89 -0.90
CA GLU B 148 1.61 -10.55 -0.51
C GLU B 148 1.81 -10.69 0.98
N ASP B 149 0.84 -10.23 1.78
CA ASP B 149 0.92 -10.40 3.22
C ASP B 149 0.75 -11.86 3.60
N SER B 150 -0.29 -12.51 3.07
CA SER B 150 -0.58 -13.86 3.55
C SER B 150 0.50 -14.85 3.10
N TYR B 151 1.20 -14.58 2.00
CA TYR B 151 2.27 -15.47 1.56
C TYR B 151 3.33 -15.65 2.65
N LYS B 152 3.53 -14.64 3.48
CA LYS B 152 4.54 -14.68 4.51
C LYS B 152 4.15 -15.57 5.67
N LEU B 153 2.87 -15.88 5.81
CA LEU B 153 2.41 -16.87 6.77
C LEU B 153 2.41 -18.28 6.20
N LEU B 154 2.72 -18.43 4.93
CA LEU B 154 2.64 -19.75 4.31
C LEU B 154 3.78 -20.63 4.78
N ASN B 155 3.44 -21.81 5.26
CA ASN B 155 4.46 -22.82 5.56
C ASN B 155 5.15 -23.27 4.26
N GLU B 156 6.35 -23.83 4.42
CA GLU B 156 7.02 -24.48 3.30
C GLU B 156 6.12 -25.56 2.71
N CYS B 157 6.17 -25.71 1.39
CA CYS B 157 5.29 -26.61 0.63
C CYS B 157 3.80 -26.23 0.75
N GLY B 158 3.48 -25.04 1.32
CA GLY B 158 2.10 -24.59 1.40
C GLY B 158 1.54 -24.08 0.06
N ILE B 159 0.21 -23.90 0.04
CA ILE B 159 -0.54 -23.63 -1.19
C ILE B 159 -1.35 -22.35 -1.03
N VAL B 160 -1.44 -21.56 -2.09
CA VAL B 160 -2.39 -20.45 -2.18
C VAL B 160 -3.31 -20.70 -3.36
N PHE B 161 -4.60 -20.64 -3.11
CA PHE B 161 -5.62 -20.89 -4.11
C PHE B 161 -6.31 -19.56 -4.37
N VAL B 162 -6.07 -18.96 -5.52
CA VAL B 162 -6.69 -17.67 -5.84
C VAL B 162 -7.87 -17.93 -6.78
N ASP B 163 -9.06 -17.49 -6.37
CA ASP B 163 -10.23 -17.69 -7.20
C ASP B 163 -10.54 -16.47 -8.06
N ASN B 164 -11.25 -16.71 -9.17
CA ASN B 164 -11.79 -15.65 -10.03
C ASN B 164 -10.67 -14.87 -10.72
N ILE B 165 -9.58 -15.56 -11.07
CA ILE B 165 -8.39 -14.86 -11.53
C ILE B 165 -8.44 -14.55 -13.02
N LEU B 166 -9.47 -15.02 -13.70
CA LEU B 166 -9.64 -14.74 -15.16
C LEU B 166 -10.88 -13.88 -15.38
N PHE B 167 -11.40 -13.31 -14.29
CA PHE B 167 -12.53 -12.37 -14.17
C PHE B 167 -13.47 -12.38 -15.37
N ARG B 168 -14.32 -13.40 -15.47
CA ARG B 168 -15.34 -13.60 -16.53
C ARG B 168 -14.79 -13.75 -17.94
N GLY B 169 -13.50 -13.90 -18.16
CA GLY B 169 -12.93 -13.97 -19.52
C GLY B 169 -12.46 -12.62 -19.99
N TYR B 170 -12.80 -11.54 -19.26
CA TYR B 170 -12.42 -10.19 -19.68
C TYR B 170 -10.91 -10.03 -19.81
N LEU B 171 -10.12 -10.91 -19.19
CA LEU B 171 -8.66 -10.85 -19.33
C LEU B 171 -8.20 -11.06 -20.77
N TYR B 172 -9.01 -11.75 -21.60
CA TYR B 172 -8.67 -12.00 -23.00
C TYR B 172 -9.79 -11.56 -23.94
N LYS B 173 -11.04 -11.57 -23.46
CA LYS B 173 -12.22 -11.21 -24.25
C LYS B 173 -12.54 -9.71 -24.15
N GLU B 174 -13.24 -9.18 -25.16
CA GLU B 174 -13.66 -7.79 -25.14
C GLU B 174 -14.64 -7.56 -24.00
N SER B 175 -14.54 -6.41 -23.40
CA SER B 175 -15.30 -6.22 -22.16
C SER B 175 -15.97 -4.86 -22.12
N PRO B 176 -16.98 -4.69 -21.26
CA PRO B 176 -17.55 -3.40 -21.00
C PRO B 176 -16.44 -2.43 -20.61
N LYS B 177 -16.46 -1.20 -21.10
CA LYS B 177 -15.38 -0.20 -20.84
C LYS B 177 -15.06 0.09 -19.35
N ARG B 178 -16.02 -0.09 -18.43
CA ARG B 178 -15.94 0.10 -16.97
C ARG B 178 -14.95 -0.88 -16.32
N PHE B 179 -14.71 -2.03 -16.92
CA PHE B 179 -13.77 -2.98 -16.31
C PHE B 179 -12.39 -2.77 -16.87
N LYS B 180 -12.13 -1.63 -17.49
CA LYS B 180 -10.81 -1.44 -18.08
C LYS B 180 -9.71 -1.48 -17.03
N THR B 181 -10.00 -1.05 -15.80
CA THR B 181 -9.06 -0.93 -14.68
C THR B 181 -8.96 -2.23 -13.88
N ILE B 182 -10.11 -2.83 -13.55
CA ILE B 182 -10.14 -4.17 -12.97
C ILE B 182 -9.28 -5.13 -13.79
N VAL B 183 -9.51 -5.20 -15.11
CA VAL B 183 -8.80 -6.13 -15.97
C VAL B 183 -7.31 -5.81 -16.01
N LYS B 184 -6.95 -4.53 -16.16
CA LYS B 184 -5.55 -4.13 -16.26
C LYS B 184 -4.73 -4.62 -15.07
N ARG B 185 -5.35 -4.70 -13.89
CA ARG B 185 -4.58 -5.06 -12.70
C ARG B 185 -4.56 -6.55 -12.45
N LEU B 186 -5.66 -7.24 -12.73
CA LEU B 186 -5.64 -8.70 -12.72
C LEU B 186 -4.53 -9.26 -13.61
N ASP B 187 -4.45 -8.77 -14.85
CA ASP B 187 -3.38 -9.20 -15.75
C ASP B 187 -1.99 -8.86 -15.20
N GLU B 188 -1.85 -7.75 -14.49
CA GLU B 188 -0.56 -7.42 -13.89
C GLU B 188 -0.21 -8.40 -12.79
N PHE B 189 -1.22 -8.79 -12.02
CA PHE B 189 -1.06 -9.78 -10.96
C PHE B 189 -0.77 -11.15 -11.56
N VAL B 190 -1.55 -11.54 -12.57
CA VAL B 190 -1.27 -12.77 -13.30
C VAL B 190 0.18 -12.81 -13.74
N ASN B 191 0.70 -11.69 -14.25
CA ASN B 191 2.09 -11.71 -14.69
C ASN B 191 3.02 -11.71 -13.50
N TYR B 192 2.68 -10.95 -12.47
CA TYR B 192 3.49 -10.87 -11.25
C TYR B 192 3.69 -12.24 -10.64
N LEU B 193 2.60 -12.98 -10.43
CA LEU B 193 2.69 -14.35 -9.94
C LEU B 193 3.58 -15.21 -10.83
N TYR B 194 3.44 -15.09 -12.14
CA TYR B 194 4.19 -15.94 -13.07
C TYR B 194 5.68 -15.64 -13.03
N GLU B 195 6.05 -14.38 -12.88
CA GLU B 195 7.46 -14.04 -12.88
C GLU B 195 8.13 -14.42 -11.56
N ASN B 196 7.36 -14.46 -10.46
CA ASN B 196 7.94 -14.49 -9.13
C ASN B 196 7.57 -15.71 -8.30
N PHE B 197 6.67 -16.58 -8.78
CA PHE B 197 6.19 -17.64 -7.91
C PHE B 197 6.07 -18.95 -8.68
N ASP B 198 6.05 -20.06 -7.94
CA ASP B 198 5.70 -21.34 -8.53
C ASP B 198 4.21 -21.33 -8.81
N PHE B 199 3.83 -21.01 -10.03
CA PHE B 199 2.46 -20.65 -10.34
C PHE B 199 1.91 -21.54 -11.44
N VAL B 200 0.68 -21.98 -11.25
CA VAL B 200 -0.10 -22.59 -12.31
C VAL B 200 -1.42 -21.81 -12.44
N LEU B 201 -1.91 -21.70 -13.68
CA LEU B 201 -3.20 -21.06 -13.94
C LEU B 201 -4.10 -22.05 -14.67
N LEU B 202 -5.28 -22.32 -14.12
CA LEU B 202 -6.19 -23.26 -14.71
C LEU B 202 -7.50 -22.57 -15.08
N PRO B 203 -8.00 -22.75 -16.29
CA PRO B 203 -9.27 -22.11 -16.67
C PRO B 203 -10.47 -22.95 -16.26
N ILE B 204 -10.67 -23.08 -14.94
CA ILE B 204 -11.63 -24.05 -14.40
C ILE B 204 -13.04 -23.48 -14.29
N SER B 205 -13.23 -22.46 -13.46
CA SER B 205 -14.59 -21.94 -13.33
C SER B 205 -14.63 -20.52 -13.87
N ASP B 206 -14.20 -19.56 -13.06
CA ASP B 206 -13.86 -18.22 -13.51
C ASP B 206 -12.36 -18.03 -13.45
N GLY B 207 -11.60 -19.08 -13.77
CA GLY B 207 -10.16 -19.06 -13.69
C GLY B 207 -9.65 -19.34 -12.29
N VAL B 208 -8.57 -20.11 -12.16
CA VAL B 208 -7.95 -20.38 -10.87
C VAL B 208 -6.44 -20.35 -11.03
N GLY B 209 -5.75 -19.69 -10.10
CA GLY B 209 -4.31 -19.80 -9.96
C GLY B 209 -3.94 -20.48 -8.66
N ILE B 210 -2.87 -21.29 -8.69
CA ILE B 210 -2.39 -21.95 -7.48
C ILE B 210 -0.90 -21.65 -7.35
N ILE B 211 -0.45 -21.40 -6.11
CA ILE B 211 0.91 -20.95 -5.83
C ILE B 211 1.51 -21.89 -4.80
N HIS B 212 2.81 -22.16 -4.95
CA HIS B 212 3.51 -23.14 -4.13
C HIS B 212 4.74 -22.48 -3.52
N LYS B 213 4.95 -22.71 -2.21
CA LYS B 213 6.15 -22.23 -1.54
C LYS B 213 7.17 -23.36 -1.56
N PRO B 214 8.29 -23.24 -2.32
CA PRO B 214 9.25 -24.33 -2.53
C PRO B 214 9.88 -24.85 -1.24
N ASN C 9 38.13 16.13 11.70
CA ASN C 9 38.70 16.51 13.00
C ASN C 9 38.74 15.35 13.99
N GLU C 10 39.91 15.16 14.62
CA GLU C 10 39.97 14.22 15.73
C GLU C 10 39.17 14.72 16.94
N TYR C 11 39.06 16.04 17.12
CA TYR C 11 38.31 16.61 18.24
C TYR C 11 36.89 16.06 18.29
N ILE C 12 36.12 16.29 17.22
CA ILE C 12 34.77 15.74 17.13
C ILE C 12 34.80 14.22 17.39
N SER C 13 35.65 13.50 16.65
CA SER C 13 35.75 12.06 16.81
C SER C 13 35.97 11.68 18.27
N SER C 14 36.80 12.46 18.96
CA SER C 14 37.06 12.21 20.36
C SER C 14 35.79 12.40 21.18
N LYS C 15 34.96 13.38 20.81
CA LYS C 15 33.72 13.59 21.56
C LYS C 15 32.72 12.47 21.27
N ILE C 16 32.69 11.96 20.04
CA ILE C 16 31.80 10.84 19.73
C ILE C 16 32.14 9.61 20.59
N ASP C 17 33.44 9.35 20.81
CA ASP C 17 33.85 8.25 21.69
C ASP C 17 33.29 8.41 23.10
N LYS C 18 33.40 9.60 23.67
CA LYS C 18 33.04 9.72 25.08
C LYS C 18 31.53 9.64 25.28
N TYR C 19 30.76 10.25 24.36
CA TYR C 19 29.34 10.50 24.61
C TYR C 19 28.39 9.74 23.71
N LYS C 20 28.83 9.26 22.55
CA LYS C 20 27.93 8.65 21.58
C LYS C 20 28.34 7.22 21.26
N SER C 21 28.85 6.48 22.25
CA SER C 21 29.21 5.10 21.99
C SER C 21 27.94 4.29 21.74
N PRO C 22 27.94 3.42 20.73
CA PRO C 22 26.70 2.79 20.26
C PRO C 22 26.04 1.94 21.33
N ASN C 23 24.70 1.89 21.26
CA ASN C 23 23.91 1.09 22.19
C ASN C 23 23.92 -0.39 21.84
N LEU C 24 24.52 -0.80 20.72
CA LEU C 24 24.34 -2.15 20.21
C LEU C 24 25.56 -3.06 20.31
N GLU C 25 26.75 -2.54 20.59
CA GLU C 25 27.88 -3.42 20.94
C GLU C 25 28.37 -4.26 19.78
N LEU C 26 27.44 -4.93 19.07
CA LEU C 26 27.78 -5.51 17.77
C LEU C 26 28.42 -4.48 16.86
N ILE C 27 27.93 -3.23 16.95
CA ILE C 27 28.48 -2.12 16.16
C ILE C 27 29.96 -1.94 16.45
N LYS C 28 30.30 -1.77 17.72
CA LYS C 28 31.73 -1.63 18.11
C LYS C 28 32.46 -2.87 17.65
N GLU C 29 31.80 -4.01 17.61
CA GLU C 29 32.48 -5.26 17.18
C GLU C 29 32.70 -5.29 15.68
N ILE C 30 31.89 -4.60 14.90
CA ILE C 30 32.10 -4.62 13.43
C ILE C 30 33.22 -3.63 13.08
N GLU C 31 33.30 -2.52 13.81
CA GLU C 31 34.35 -1.49 13.57
C GLU C 31 35.73 -2.11 13.79
N PRO C 40 36.80 -1.14 5.18
CA PRO C 40 36.40 0.27 5.11
C PRO C 40 34.92 0.47 5.42
N ILE C 41 34.61 1.35 6.37
CA ILE C 41 33.23 1.64 6.75
C ILE C 41 33.09 3.14 6.98
N ILE C 42 31.85 3.60 7.13
CA ILE C 42 31.61 5.02 7.30
C ILE C 42 32.37 5.55 8.50
N SER C 43 32.85 6.79 8.39
CA SER C 43 33.39 7.52 9.52
C SER C 43 32.46 7.50 10.73
N LYS C 44 33.04 7.69 11.92
CA LYS C 44 32.24 7.87 13.12
C LYS C 44 31.55 9.22 13.14
N GLU C 45 32.10 10.20 12.40
CA GLU C 45 31.39 11.44 12.16
C GLU C 45 30.17 11.20 11.29
N ILE C 46 30.32 10.34 10.26
CA ILE C 46 29.22 10.04 9.34
C ILE C 46 28.16 9.23 10.06
N ARG C 47 28.59 8.32 10.95
CA ARG C 47 27.65 7.48 11.67
C ARG C 47 26.72 8.31 12.53
N GLU C 48 27.29 9.23 13.33
CA GLU C 48 26.47 10.02 14.24
C GLU C 48 25.56 10.99 13.51
N TYR C 49 26.00 11.49 12.36
CA TYR C 49 25.18 12.43 11.59
C TYR C 49 23.99 11.72 10.99
N LEU C 50 24.26 10.67 10.21
CA LEU C 50 23.26 9.69 9.79
C LEU C 50 22.28 9.35 10.93
N LYS C 51 22.82 8.85 12.04
CA LYS C 51 21.99 8.53 13.20
C LYS C 51 21.13 9.73 13.62
N PHE C 52 21.72 10.93 13.61
CA PHE C 52 21.02 12.13 14.05
C PHE C 52 19.86 12.48 13.11
N ILE C 53 20.12 12.58 11.79
CA ILE C 53 19.05 12.93 10.85
C ILE C 53 17.87 11.99 11.00
N ILE C 54 18.13 10.68 11.07
CA ILE C 54 17.05 9.71 11.09
C ILE C 54 16.22 9.86 12.36
N ARG C 55 16.90 10.07 13.48
CA ARG C 55 16.23 10.19 14.77
C ARG C 55 15.36 11.43 14.84
N THR C 56 15.82 12.53 14.27
CA THR C 56 15.10 13.78 14.46
C THR C 56 13.99 14.00 13.43
N ASN C 57 13.80 13.06 12.49
CA ASN C 57 12.72 13.12 11.52
C ASN C 57 11.86 11.89 11.74
N LYS C 58 10.82 12.04 12.59
CA LYS C 58 9.96 10.90 12.87
C LYS C 58 9.26 10.38 11.63
N ASN C 59 9.28 11.13 10.53
CA ASN C 59 8.67 10.71 9.27
C ASN C 59 9.59 9.81 8.46
N ILE C 60 10.83 9.57 8.89
CA ILE C 60 11.72 8.64 8.22
C ILE C 60 11.35 7.24 8.69
N LYS C 61 10.63 6.50 7.84
CA LYS C 61 10.11 5.18 8.18
C LYS C 61 10.73 4.05 7.36
N ASN C 62 10.87 4.22 6.06
CA ASN C 62 11.41 3.16 5.20
C ASN C 62 12.66 3.66 4.53
N ILE C 63 13.72 2.88 4.62
CA ILE C 63 15.03 3.28 4.15
C ILE C 63 15.46 2.41 2.98
N LEU C 64 15.94 3.05 1.93
CA LEU C 64 16.60 2.37 0.80
C LEU C 64 18.11 2.54 0.95
N GLU C 65 18.86 1.45 0.95
CA GLU C 65 20.34 1.47 1.03
C GLU C 65 20.91 0.75 -0.18
N ILE C 66 21.70 1.45 -0.97
CA ILE C 66 22.32 0.92 -2.21
C ILE C 66 23.80 0.67 -1.97
N GLY C 67 24.15 -0.52 -1.50
CA GLY C 67 25.55 -0.85 -1.20
C GLY C 67 25.68 -1.43 0.19
N THR C 68 25.03 -2.54 0.46
CA THR C 68 24.97 -3.19 1.79
C THR C 68 26.35 -3.40 2.41
N ALA C 69 27.32 -3.85 1.63
CA ALA C 69 28.70 -4.16 2.08
C ALA C 69 28.62 -5.14 3.26
N THR C 70 29.29 -4.85 4.35
CA THR C 70 29.24 -5.78 5.47
C THR C 70 28.00 -5.56 6.33
N GLY C 71 27.16 -4.59 6.01
CA GLY C 71 25.96 -4.36 6.77
C GLY C 71 26.14 -3.46 7.98
N TYR C 72 27.24 -2.72 8.06
CA TYR C 72 27.50 -1.85 9.19
C TYR C 72 26.67 -0.57 9.12
N SER C 73 26.65 0.08 7.96
CA SER C 73 25.78 1.24 7.81
C SER C 73 24.32 0.83 7.99
N GLY C 74 23.94 -0.34 7.47
CA GLY C 74 22.56 -0.82 7.60
C GLY C 74 22.11 -0.98 9.05
N ILE C 75 22.93 -1.65 9.87
CA ILE C 75 22.67 -1.73 11.30
C ILE C 75 22.58 -0.32 11.91
N ILE C 76 23.57 0.52 11.62
CA ILE C 76 23.63 1.89 12.14
C ILE C 76 22.29 2.62 11.94
N MET C 77 21.82 2.69 10.67
CA MET C 77 20.55 3.40 10.40
C MET C 77 19.34 2.63 10.91
N SER C 78 19.34 1.29 10.77
CA SER C 78 18.17 0.52 11.20
C SER C 78 17.97 0.60 12.71
N GLU C 79 19.04 0.76 13.48
CA GLU C 79 18.91 0.88 14.92
C GLU C 79 18.13 2.13 15.29
N GLU C 80 18.14 3.15 14.45
CA GLU C 80 17.37 4.35 14.75
C GLU C 80 15.90 4.24 14.35
N ILE C 81 15.42 3.09 13.88
CA ILE C 81 14.02 3.06 13.46
C ILE C 81 13.25 1.89 14.07
N GLN C 82 13.88 1.18 15.00
CA GLN C 82 13.14 0.12 15.68
C GLN C 82 11.91 0.68 16.40
N GLY C 83 12.06 1.86 17.00
CA GLY C 83 10.94 2.48 17.71
C GLY C 83 9.73 2.74 16.83
N ARG C 84 9.94 2.91 15.53
CA ARG C 84 8.88 3.27 14.58
C ARG C 84 8.34 2.09 13.79
N ASN C 85 8.84 0.87 14.06
CA ASN C 85 8.59 -0.29 13.19
C ASN C 85 9.00 0.03 11.75
N GLY C 86 10.05 0.82 11.60
CA GLY C 86 10.54 1.12 10.27
C GLY C 86 11.26 -0.06 9.67
N THR C 87 11.39 -0.02 8.35
CA THR C 87 12.05 -1.09 7.61
C THR C 87 13.32 -0.57 6.96
N LEU C 88 14.14 -1.49 6.46
CA LEU C 88 15.32 -1.10 5.71
C LEU C 88 15.50 -2.06 4.55
N THR C 89 15.24 -1.59 3.32
CA THR C 89 15.64 -2.33 2.12
C THR C 89 17.07 -1.94 1.76
N THR C 90 17.88 -2.94 1.38
CA THR C 90 19.29 -2.68 1.12
C THR C 90 19.80 -3.63 0.05
N ILE C 91 20.49 -3.11 -0.96
CA ILE C 91 20.89 -3.89 -2.13
C ILE C 91 22.41 -4.03 -2.15
N GLU C 92 22.87 -5.22 -2.48
CA GLU C 92 24.29 -5.51 -2.61
C GLU C 92 24.46 -6.52 -3.73
N ILE C 93 25.53 -6.34 -4.52
CA ILE C 93 25.72 -7.14 -5.71
C ILE C 93 26.71 -8.27 -5.49
N ASP C 94 27.59 -8.17 -4.49
CA ASP C 94 28.64 -9.14 -4.23
C ASP C 94 28.13 -10.21 -3.26
N GLU C 95 28.14 -11.47 -3.70
CA GLU C 95 27.63 -12.57 -2.89
C GLU C 95 28.33 -12.66 -1.53
N ASP C 96 29.66 -12.54 -1.50
CA ASP C 96 30.37 -12.69 -0.24
C ASP C 96 30.03 -11.55 0.74
N ARG C 97 30.06 -10.31 0.25
CA ARG C 97 29.65 -9.22 1.12
C ARG C 97 28.22 -9.43 1.59
N PHE C 98 27.35 -9.95 0.71
CA PHE C 98 25.98 -10.23 1.09
C PHE C 98 25.91 -11.20 2.28
N LYS C 99 26.63 -12.32 2.20
CA LYS C 99 26.51 -13.32 3.26
C LYS C 99 27.01 -12.77 4.59
N ILE C 100 28.12 -12.03 4.58
CA ILE C 100 28.60 -11.36 5.79
C ILE C 100 27.53 -10.42 6.34
N ALA C 101 26.98 -9.56 5.48
CA ALA C 101 25.91 -8.66 5.89
C ALA C 101 24.74 -9.44 6.49
N GLN C 102 24.37 -10.56 5.88
CA GLN C 102 23.24 -11.33 6.39
C GLN C 102 23.56 -11.96 7.75
N SER C 103 24.80 -12.43 7.95
CA SER C 103 25.20 -12.91 9.26
C SER C 103 25.11 -11.79 10.30
N ASN C 104 25.61 -10.60 9.96
CA ASN C 104 25.63 -9.49 10.91
C ASN C 104 24.23 -9.02 11.27
N PHE C 105 23.34 -8.83 10.28
CA PHE C 105 21.96 -8.47 10.60
C PHE C 105 21.31 -9.48 11.56
N GLU C 106 21.57 -10.78 11.36
CA GLU C 106 21.04 -11.81 12.27
C GLU C 106 21.52 -11.59 13.70
N LYS C 107 22.84 -11.44 13.87
CA LYS C 107 23.43 -11.09 15.16
C LYS C 107 22.88 -9.79 15.73
N SER C 108 22.38 -8.88 14.90
CA SER C 108 21.89 -7.59 15.36
C SER C 108 20.51 -7.70 16.02
N ASN C 109 19.70 -8.68 15.63
CA ASN C 109 18.31 -8.86 16.04
C ASN C 109 17.41 -7.71 15.61
N LEU C 110 17.92 -6.73 14.87
CA LEU C 110 17.09 -5.63 14.42
C LEU C 110 15.95 -6.16 13.55
N LYS C 111 14.77 -5.58 13.69
CA LYS C 111 13.67 -5.99 12.83
C LYS C 111 13.59 -5.06 11.62
N GLY C 112 12.81 -5.47 10.64
CA GLY C 112 12.55 -4.65 9.47
C GLY C 112 13.56 -4.74 8.33
N ILE C 113 14.52 -5.66 8.39
CA ILE C 113 15.67 -5.67 7.49
C ILE C 113 15.40 -6.60 6.30
N GLU C 114 15.35 -6.02 5.10
CA GLU C 114 15.16 -6.71 3.83
C GLU C 114 16.42 -6.57 2.99
N GLN C 115 17.13 -7.68 2.79
CA GLN C 115 18.31 -7.73 1.94
C GLN C 115 17.92 -8.19 0.56
N ILE C 116 18.46 -7.54 -0.45
CA ILE C 116 18.29 -7.95 -1.83
C ILE C 116 19.67 -8.28 -2.36
N LEU C 117 19.79 -9.43 -3.03
CA LEU C 117 21.03 -9.83 -3.67
C LEU C 117 20.90 -9.59 -5.17
N GLY C 118 21.60 -8.59 -5.68
CA GLY C 118 21.59 -8.33 -7.10
C GLY C 118 22.11 -6.94 -7.43
N ASP C 119 21.90 -6.57 -8.71
CA ASP C 119 22.50 -5.38 -9.30
C ASP C 119 21.52 -4.23 -9.20
N ALA C 120 21.92 -3.18 -8.48
CA ALA C 120 21.00 -2.10 -8.19
C ALA C 120 20.69 -1.27 -9.43
N THR C 121 21.50 -1.37 -10.49
CA THR C 121 21.09 -0.73 -11.74
C THR C 121 19.85 -1.41 -12.31
N GLU C 122 19.67 -2.71 -12.06
CA GLU C 122 18.43 -3.36 -12.47
C GLU C 122 17.41 -3.37 -11.35
N GLU C 123 17.87 -3.57 -10.11
CA GLU C 123 16.98 -3.94 -9.00
C GLU C 123 16.16 -2.76 -8.50
N ILE C 124 16.69 -1.55 -8.56
CA ILE C 124 16.00 -0.41 -7.95
C ILE C 124 14.66 -0.16 -8.64
N GLU C 125 14.65 -0.14 -9.97
CA GLU C 125 13.40 0.17 -10.63
C GLU C 125 12.35 -0.93 -10.45
N LYS C 126 12.75 -2.10 -9.94
CA LYS C 126 11.79 -3.17 -9.78
C LYS C 126 11.01 -3.08 -8.48
N LEU C 127 11.43 -2.26 -7.53
CA LEU C 127 10.78 -2.25 -6.23
C LEU C 127 9.44 -1.54 -6.32
N ASN C 128 8.37 -2.22 -5.91
CA ASN C 128 7.07 -1.58 -5.77
C ASN C 128 6.89 -0.92 -4.41
N LYS C 129 7.98 -0.43 -3.81
CA LYS C 129 7.99 0.16 -2.49
C LYS C 129 8.33 1.65 -2.60
N ASN C 130 7.95 2.41 -1.59
CA ASN C 130 8.29 3.82 -1.48
C ASN C 130 9.19 4.06 -0.28
N PHE C 131 9.97 5.13 -0.35
CA PHE C 131 11.01 5.35 0.65
C PHE C 131 11.02 6.80 1.12
N ASP C 132 11.49 7.00 2.35
CA ASP C 132 11.63 8.31 2.98
C ASP C 132 13.09 8.79 3.03
N PHE C 133 14.04 7.94 2.65
CA PHE C 133 15.46 8.16 2.88
C PHE C 133 16.26 7.13 2.11
N ILE C 134 17.22 7.61 1.32
CA ILE C 134 18.04 6.76 0.45
C ILE C 134 19.49 7.06 0.79
N PHE C 135 20.28 6.01 0.99
CA PHE C 135 21.73 6.14 1.19
C PHE C 135 22.48 5.62 -0.03
N ILE C 136 23.36 6.45 -0.57
CA ILE C 136 24.12 6.17 -1.79
C ILE C 136 25.56 6.59 -1.56
N ASP C 137 26.53 5.74 -1.94
CA ASP C 137 27.95 6.05 -1.83
C ASP C 137 28.52 6.36 -3.22
N ALA C 138 28.84 7.64 -3.45
CA ALA C 138 29.41 8.09 -4.72
C ALA C 138 30.81 7.56 -4.98
N ALA C 139 31.45 6.93 -3.99
CA ALA C 139 32.82 6.41 -4.15
C ALA C 139 32.89 5.04 -4.78
N LYS C 140 31.76 4.42 -5.13
CA LYS C 140 31.78 3.00 -5.46
C LYS C 140 31.11 2.62 -6.77
N GLY C 141 30.18 3.42 -7.29
CA GLY C 141 29.38 2.82 -8.33
C GLY C 141 28.81 3.69 -9.42
N GLN C 142 27.72 3.21 -10.00
CA GLN C 142 26.91 3.97 -10.94
C GLN C 142 25.97 4.88 -10.14
N TYR C 143 26.60 5.73 -9.31
CA TYR C 143 25.83 6.46 -8.31
C TYR C 143 24.77 7.33 -8.94
N LYS C 144 25.02 7.85 -10.16
CA LYS C 144 24.02 8.71 -10.78
C LYS C 144 22.83 7.90 -11.28
N LYS C 145 23.07 6.69 -11.78
CA LYS C 145 21.95 5.79 -12.10
C LYS C 145 21.17 5.46 -10.84
N PHE C 146 21.89 5.07 -9.77
CA PHE C 146 21.27 4.80 -8.47
C PHE C 146 20.40 5.97 -8.01
N PHE C 147 20.88 7.21 -8.24
CA PHE C 147 20.18 8.39 -7.75
C PHE C 147 18.95 8.67 -8.59
N GLU C 148 19.05 8.49 -9.89
CA GLU C 148 17.92 8.84 -10.72
C GLU C 148 16.84 7.78 -10.68
N ASP C 149 17.22 6.51 -10.55
CA ASP C 149 16.21 5.48 -10.39
C ASP C 149 15.61 5.50 -8.98
N SER C 150 16.38 5.86 -7.96
CA SER C 150 15.82 5.76 -6.61
C SER C 150 15.03 7.01 -6.25
N TYR C 151 15.47 8.19 -6.71
CA TYR C 151 14.76 9.43 -6.44
C TYR C 151 13.29 9.34 -6.82
N LYS C 152 12.98 8.54 -7.85
CA LYS C 152 11.60 8.31 -8.28
C LYS C 152 10.77 7.57 -7.23
N LEU C 153 11.41 6.81 -6.33
CA LEU C 153 10.71 6.10 -5.27
C LEU C 153 10.71 6.88 -3.96
N LEU C 154 11.11 8.13 -3.99
CA LEU C 154 11.30 8.92 -2.78
C LEU C 154 10.04 9.72 -2.50
N ASN C 155 9.41 9.46 -1.36
CA ASN C 155 8.25 10.23 -0.93
C ASN C 155 8.60 11.72 -0.85
N GLU C 156 7.59 12.57 -1.00
CA GLU C 156 7.82 14.00 -0.84
C GLU C 156 8.28 14.26 0.58
N CYS C 157 9.17 15.24 0.73
CA CYS C 157 9.88 15.57 1.94
C CYS C 157 10.94 14.52 2.29
N GLY C 158 11.11 13.50 1.46
CA GLY C 158 12.17 12.52 1.68
C GLY C 158 13.57 13.09 1.47
N ILE C 159 14.57 12.35 1.93
CA ILE C 159 15.96 12.79 1.92
C ILE C 159 16.80 11.76 1.18
N VAL C 160 17.68 12.23 0.29
CA VAL C 160 18.73 11.39 -0.28
C VAL C 160 20.06 11.83 0.32
N PHE C 161 20.78 10.86 0.89
CA PHE C 161 22.09 11.04 1.53
C PHE C 161 23.15 10.44 0.59
N VAL C 162 24.01 11.28 0.02
CA VAL C 162 25.09 10.83 -0.84
C VAL C 162 26.39 10.97 -0.08
N ASP C 163 26.95 9.84 0.33
CA ASP C 163 28.21 9.77 1.04
C ASP C 163 29.40 9.79 0.07
N ASN C 164 30.56 10.20 0.59
CA ASN C 164 31.80 10.23 -0.16
C ASN C 164 31.68 11.05 -1.44
N ILE C 165 30.94 12.14 -1.41
CA ILE C 165 30.75 12.97 -2.64
C ILE C 165 31.99 13.81 -2.95
N LEU C 166 32.88 14.04 -2.00
CA LEU C 166 34.11 14.80 -2.29
C LEU C 166 35.32 13.86 -2.35
N PHE C 167 35.10 12.58 -2.56
CA PHE C 167 36.18 11.56 -2.52
C PHE C 167 37.31 11.74 -3.55
N ARG C 168 38.55 11.70 -3.10
CA ARG C 168 39.66 11.80 -4.08
C ARG C 168 40.74 10.78 -3.79
N GLY C 169 40.42 9.76 -2.99
CA GLY C 169 41.38 8.71 -2.62
C GLY C 169 41.39 7.56 -3.61
N TYR C 170 42.09 7.73 -4.73
CA TYR C 170 42.17 6.68 -5.78
C TYR C 170 43.60 6.62 -6.32
N LEU C 171 44.07 5.42 -6.68
CA LEU C 171 45.44 5.24 -7.22
C LEU C 171 45.63 6.20 -8.41
N TYR C 172 46.50 7.20 -8.26
CA TYR C 172 46.73 8.18 -9.33
C TYR C 172 47.83 7.66 -10.27
N LYS C 173 48.90 7.14 -9.71
CA LYS C 173 50.04 6.70 -10.53
C LYS C 173 49.63 5.57 -11.48
N GLU C 174 48.90 4.60 -10.97
CA GLU C 174 48.54 3.40 -11.78
C GLU C 174 47.83 3.78 -13.08
N SER C 175 47.00 4.81 -13.07
CA SER C 175 46.37 5.35 -14.30
C SER C 175 45.86 6.77 -14.05
N PRO C 176 46.60 7.86 -14.36
CA PRO C 176 46.13 9.21 -14.07
C PRO C 176 44.92 9.59 -14.90
N LYS C 177 44.84 9.06 -16.11
CA LYS C 177 43.73 9.32 -17.03
C LYS C 177 42.46 8.75 -16.41
N ARG C 178 42.52 7.60 -15.72
CA ARG C 178 41.33 7.00 -15.08
C ARG C 178 40.93 7.81 -13.86
N PHE C 179 41.90 8.24 -13.06
CA PHE C 179 41.62 9.08 -11.91
C PHE C 179 40.89 10.35 -12.33
N LYS C 180 41.39 11.03 -13.37
CA LYS C 180 40.73 12.24 -13.83
C LYS C 180 39.33 11.95 -14.41
N THR C 181 39.11 10.74 -14.95
CA THR C 181 37.78 10.39 -15.43
C THR C 181 36.80 10.26 -14.28
N ILE C 182 37.25 9.61 -13.20
CA ILE C 182 36.38 9.36 -12.06
C ILE C 182 35.99 10.67 -11.40
N VAL C 183 36.97 11.53 -11.15
CA VAL C 183 36.71 12.78 -10.46
C VAL C 183 35.85 13.71 -11.33
N LYS C 184 36.07 13.72 -12.64
CA LYS C 184 35.26 14.57 -13.51
C LYS C 184 33.79 14.15 -13.45
N ARG C 185 33.53 12.84 -13.39
CA ARG C 185 32.14 12.40 -13.23
C ARG C 185 31.57 12.90 -11.92
N LEU C 186 32.31 12.71 -10.83
CA LEU C 186 31.84 13.19 -9.53
C LEU C 186 31.50 14.68 -9.60
N ASP C 187 32.44 15.49 -10.10
CA ASP C 187 32.25 16.93 -10.19
C ASP C 187 31.04 17.28 -11.05
N GLU C 188 30.83 16.55 -12.14
CA GLU C 188 29.68 16.83 -12.98
C GLU C 188 28.38 16.40 -12.32
N PHE C 189 28.47 15.50 -11.34
CA PHE C 189 27.32 15.07 -10.57
C PHE C 189 26.98 16.09 -9.50
N VAL C 190 28.01 16.67 -8.86
CA VAL C 190 27.77 17.80 -7.97
C VAL C 190 27.07 18.92 -8.74
N ASN C 191 27.61 19.30 -9.90
CA ASN C 191 26.96 20.32 -10.71
C ASN C 191 25.52 19.94 -11.04
N TYR C 192 25.30 18.67 -11.36
CA TYR C 192 23.99 18.19 -11.77
C TYR C 192 22.96 18.32 -10.65
N LEU C 193 23.35 17.96 -9.42
CA LEU C 193 22.44 18.13 -8.29
C LEU C 193 22.17 19.59 -8.00
N TYR C 194 23.19 20.44 -8.15
CA TYR C 194 23.00 21.87 -7.88
C TYR C 194 22.00 22.47 -8.86
N GLU C 195 22.14 22.14 -10.14
CA GLU C 195 21.29 22.73 -11.18
C GLU C 195 19.88 22.17 -11.19
N ASN C 196 19.61 21.11 -10.46
CA ASN C 196 18.37 20.41 -10.66
C ASN C 196 17.64 20.06 -9.38
N PHE C 197 18.28 20.20 -8.21
CA PHE C 197 17.70 19.65 -7.00
C PHE C 197 17.88 20.62 -5.84
N ASP C 198 17.16 20.33 -4.77
CA ASP C 198 17.31 21.06 -3.50
C ASP C 198 18.54 20.44 -2.86
N PHE C 199 19.68 21.02 -3.13
CA PHE C 199 20.93 20.35 -2.72
C PHE C 199 21.77 21.22 -1.80
N VAL C 200 22.41 20.51 -0.92
CA VAL C 200 23.42 21.03 0.01
C VAL C 200 24.64 20.10 -0.04
N LEU C 201 25.96 20.76 -0.01
CA LEU C 201 27.29 20.17 0.02
C LEU C 201 27.87 20.43 1.38
N LEU C 202 28.28 19.37 2.08
CA LEU C 202 28.81 19.51 3.43
C LEU C 202 30.19 18.86 3.54
N PRO C 203 31.19 19.58 4.06
CA PRO C 203 32.53 19.02 4.24
C PRO C 203 32.65 18.18 5.50
N ILE C 204 31.79 17.18 5.63
CA ILE C 204 31.90 16.19 6.70
C ILE C 204 32.66 15.00 6.15
N SER C 205 33.67 14.53 6.89
CA SER C 205 34.45 13.37 6.50
C SER C 205 34.89 13.48 5.04
N ASP C 206 34.46 12.57 4.16
CA ASP C 206 34.88 12.59 2.76
C ASP C 206 33.87 13.27 1.85
N GLY C 207 32.91 13.98 2.40
CA GLY C 207 31.97 14.72 1.58
C GLY C 207 30.58 14.15 1.63
N VAL C 208 29.59 15.01 1.85
CA VAL C 208 28.21 14.56 2.03
C VAL C 208 27.30 15.43 1.17
N GLY C 209 26.51 14.79 0.30
CA GLY C 209 25.45 15.43 -0.44
C GLY C 209 24.12 15.05 0.17
N ILE C 210 23.31 16.06 0.46
CA ILE C 210 21.97 15.87 0.97
C ILE C 210 21.02 16.49 -0.04
N ILE C 211 20.02 15.72 -0.47
CA ILE C 211 19.03 16.16 -1.42
C ILE C 211 17.67 16.04 -0.78
N HIS C 212 16.94 17.15 -0.70
CA HIS C 212 15.58 17.11 -0.22
C HIS C 212 14.64 17.05 -1.42
N LYS C 213 13.54 16.35 -1.24
CA LYS C 213 12.52 16.26 -2.28
C LYS C 213 11.28 17.02 -1.84
N PRO C 214 10.79 17.97 -2.63
CA PRO C 214 9.53 18.63 -2.31
C PRO C 214 8.35 17.95 -2.99
#